data_4EAL
#
_entry.id   4EAL
#
_cell.length_a   175.850
_cell.length_b   40.503
_cell.length_c   77.738
_cell.angle_alpha   90.00
_cell.angle_beta   105.53
_cell.angle_gamma   90.00
#
_symmetry.space_group_name_H-M   'C 1 2 1'
#
loop_
_entity.id
_entity.type
_entity.pdbx_description
1 polymer "5'-AMP-activated protein kinase catalytic subunit alpha-1"
2 polymer "5'-AMP-activated protein kinase subunit beta-1"
3 polymer "5'-AMP-activated protein kinase subunit gamma-1"
4 non-polymer 'ADENOSINE MONOPHOSPHATE'
5 water water
#
loop_
_entity_poly.entity_id
_entity_poly.type
_entity_poly.pdbx_seq_one_letter_code
_entity_poly.pdbx_strand_id
1 'polypeptide(L)'
;GPHMGAKWHLGIRSQSRPNDIMAEVCRAIKQLDYEWKVVNPYYLRVRRKNPVTSTFSKMSLQLYQVDSRTYLLDFRSIDD
GGGGGGGSHTIEFFEMCANLIKILAQ
;
A
2 'polypeptide(L)' MFKAPPILPPHLLQVILNKDTGISCDPALLPEPNHVMLNHLYALSIKDGVMVLSATHRYKKKYVTTLLYKPI B
3 'polypeptide(L)'
;MESVAAESAPAPENEHSQETPESNSSVYTTFMKSHRCYDLIPTSSKLVVFDTSLQVKKAFFALVTNGVRAAPLWDSKKQS
FVGMLTITDFINILHRYYKSALVQIYELEEHKIETWREVYLQDSFKPLVCISPNASLFDAVSSLIRNKIHRLPVIDPESG
NTLYILTHKRILKFLKLFITEFPKPEFMSKSLEELQIGTYANIAMVRTTTPVYVALGIFVQHRVSALPVVDEKGRVVDIY
SKFDVINLAAEKTYNNLDVSVTKALQHRSHYFEGVLKCYLHETLEAIINRLVEAEVHRLVVVDEHDVVKGIVSLSDILQA
LVLTGGEKKP
;
C
#
loop_
_chem_comp.id
_chem_comp.type
_chem_comp.name
_chem_comp.formula
AMP non-polymer 'ADENOSINE MONOPHOSPHATE' 'C10 H14 N5 O7 P'
#
# COMPACT_ATOMS: atom_id res chain seq x y z
N TRP A 8 -16.35 2.26 14.17
CA TRP A 8 -15.45 3.41 14.29
C TRP A 8 -15.93 4.38 15.36
N HIS A 9 -15.17 4.48 16.44
CA HIS A 9 -15.56 5.34 17.56
C HIS A 9 -14.80 6.67 17.57
N LEU A 10 -15.55 7.76 17.66
CA LEU A 10 -14.96 9.08 17.77
C LEU A 10 -14.39 9.30 19.16
N GLY A 11 -13.09 9.58 19.21
CA GLY A 11 -12.41 9.85 20.47
C GLY A 11 -12.57 8.74 21.50
N ILE A 12 -12.43 9.10 22.76
CA ILE A 12 -12.56 8.15 23.86
C ILE A 12 -13.62 8.63 24.85
N ARG A 13 -14.07 7.74 25.72
CA ARG A 13 -15.15 8.06 26.66
C ARG A 13 -14.76 7.83 28.12
N SER A 14 -15.53 8.46 29.02
CA SER A 14 -15.34 8.33 30.46
C SER A 14 -16.60 8.77 31.16
N GLN A 15 -16.96 8.10 32.24
CA GLN A 15 -18.15 8.45 33.02
C GLN A 15 -17.77 9.05 34.37
N SER A 16 -16.50 9.40 34.52
CA SER A 16 -16.03 10.06 35.72
C SER A 16 -16.59 11.47 35.78
N ARG A 17 -15.90 12.36 36.48
CA ARG A 17 -16.34 13.75 36.56
C ARG A 17 -15.44 14.67 35.72
N PRO A 18 -16.04 15.64 35.03
CA PRO A 18 -15.33 16.57 34.15
C PRO A 18 -14.13 17.21 34.84
N ASN A 19 -14.23 17.41 36.14
CA ASN A 19 -13.12 17.94 36.92
C ASN A 19 -11.93 16.99 36.86
N ASP A 20 -12.21 15.72 37.14
CA ASP A 20 -11.18 14.68 37.15
C ASP A 20 -10.69 14.35 35.73
N ILE A 21 -11.63 14.19 34.80
CA ILE A 21 -11.27 13.89 33.42
C ILE A 21 -10.21 14.88 32.91
N MET A 22 -10.52 16.17 33.04
CA MET A 22 -9.59 17.21 32.62
C MET A 22 -8.33 17.19 33.47
N ALA A 23 -8.50 16.96 34.77
CA ALA A 23 -7.37 16.87 35.67
C ALA A 23 -6.44 15.75 35.22
N GLU A 24 -7.03 14.62 34.84
CA GLU A 24 -6.26 13.46 34.39
C GLU A 24 -5.46 13.74 33.13
N VAL A 25 -6.13 14.29 32.12
CA VAL A 25 -5.45 14.58 30.85
C VAL A 25 -4.22 15.46 31.08
N CYS A 26 -4.35 16.46 31.95
CA CYS A 26 -3.24 17.36 32.23
C CYS A 26 -2.10 16.63 32.91
N ARG A 27 -2.44 15.74 33.84
CA ARG A 27 -1.46 14.90 34.50
C ARG A 27 -0.78 14.01 33.45
N ALA A 28 -1.60 13.50 32.53
CA ALA A 28 -1.10 12.68 31.42
C ALA A 28 -0.20 13.52 30.52
N ILE A 29 -0.71 14.69 30.11
CA ILE A 29 0.04 15.58 29.24
C ILE A 29 1.40 15.89 29.85
N LYS A 30 1.44 15.98 31.17
CA LYS A 30 2.67 16.33 31.88
C LYS A 30 3.72 15.22 31.76
N GLN A 31 3.32 13.98 31.99
CA GLN A 31 4.23 12.85 31.88
C GLN A 31 4.87 12.82 30.51
N LEU A 32 4.05 13.03 29.48
CA LEU A 32 4.52 13.04 28.10
C LEU A 32 5.49 14.16 27.82
N ASP A 33 5.65 15.07 28.79
CA ASP A 33 6.49 16.24 28.61
C ASP A 33 5.96 17.07 27.44
N TYR A 34 4.64 17.25 27.41
CA TYR A 34 3.98 17.98 26.34
C TYR A 34 3.58 19.38 26.77
N GLU A 35 3.73 20.34 25.87
CA GLU A 35 3.30 21.71 26.12
C GLU A 35 1.79 21.80 25.92
N TRP A 36 1.10 22.46 26.85
CA TRP A 36 -0.35 22.61 26.75
C TRP A 36 -0.79 24.02 27.12
N LYS A 37 -1.99 24.39 26.67
CA LYS A 37 -2.53 25.72 26.91
C LYS A 37 -4.05 25.71 27.08
N VAL A 38 -4.49 25.94 28.32
CA VAL A 38 -5.92 25.95 28.63
C VAL A 38 -6.64 27.13 27.98
N VAL A 39 -7.31 26.87 26.87
CA VAL A 39 -8.09 27.88 26.16
C VAL A 39 -9.50 27.93 26.75
N ASN A 40 -9.80 26.92 27.57
CA ASN A 40 -11.16 26.72 28.07
C ASN A 40 -11.13 25.70 29.21
N PRO A 41 -12.07 25.80 30.16
CA PRO A 41 -12.10 24.84 31.26
C PRO A 41 -12.05 23.40 30.76
N TYR A 42 -12.64 23.15 29.59
CA TYR A 42 -12.67 21.79 29.04
C TYR A 42 -12.27 21.76 27.57
N TYR A 43 -11.33 22.63 27.20
CA TYR A 43 -10.81 22.68 25.85
C TYR A 43 -9.33 23.07 25.86
N LEU A 44 -8.48 22.16 25.39
CA LEU A 44 -7.04 22.34 25.48
C LEU A 44 -6.36 22.57 24.13
N ARG A 45 -5.04 22.72 24.17
CA ARG A 45 -4.23 22.88 22.98
C ARG A 45 -2.83 22.39 23.27
N VAL A 46 -2.41 21.33 22.59
CA VAL A 46 -1.16 20.66 22.90
C VAL A 46 -0.10 20.84 21.82
N ARG A 47 1.16 20.90 22.24
CA ARG A 47 2.29 20.94 21.33
C ARG A 47 3.32 19.87 21.70
N ARG A 48 4.24 19.60 20.78
CA ARG A 48 5.29 18.62 20.99
C ARG A 48 6.39 18.70 19.94
N LYS A 49 7.57 19.13 20.34
CA LYS A 49 8.72 19.10 19.44
C LYS A 49 9.11 17.65 19.22
N ASN A 50 9.39 17.30 17.96
CA ASN A 50 9.77 15.93 17.62
C ASN A 50 11.24 15.67 17.95
N PRO A 51 11.50 14.86 18.98
CA PRO A 51 12.86 14.57 19.43
C PRO A 51 13.78 14.09 18.32
N VAL A 52 13.21 13.53 17.25
CA VAL A 52 14.02 12.95 16.18
C VAL A 52 14.12 13.83 14.95
N THR A 53 13.01 14.42 14.54
CA THR A 53 13.00 15.27 13.35
C THR A 53 13.13 16.75 13.71
N SER A 54 12.98 17.05 15.00
CA SER A 54 13.07 18.42 15.49
C SER A 54 12.06 19.34 14.81
N THR A 55 10.79 18.94 14.86
CA THR A 55 9.69 19.73 14.31
C THR A 55 8.54 19.79 15.30
N PHE A 56 7.57 20.65 15.05
CA PHE A 56 6.43 20.81 15.95
C PHE A 56 5.14 20.25 15.37
N SER A 57 4.34 19.63 16.23
CA SER A 57 3.05 19.08 15.84
C SER A 57 2.04 19.40 16.95
N LYS A 58 0.86 19.88 16.55
CA LYS A 58 -0.11 20.36 17.53
C LYS A 58 -1.53 19.82 17.31
N MET A 59 -2.20 19.50 18.41
CA MET A 59 -3.57 19.01 18.37
C MET A 59 -4.42 19.74 19.40
N SER A 60 -5.74 19.58 19.31
CA SER A 60 -6.63 20.23 20.26
C SER A 60 -7.58 19.24 20.93
N LEU A 61 -7.58 19.24 22.26
CA LEU A 61 -8.48 18.40 23.03
C LEU A 61 -9.74 19.18 23.39
N GLN A 62 -10.87 18.47 23.48
CA GLN A 62 -12.15 19.10 23.77
C GLN A 62 -13.13 18.10 24.37
N LEU A 63 -13.52 18.32 25.63
CA LEU A 63 -14.47 17.43 26.28
C LEU A 63 -15.91 17.81 25.96
N TYR A 64 -16.58 16.94 25.22
CA TYR A 64 -18.01 17.10 24.97
C TYR A 64 -18.79 16.32 26.03
N GLN A 65 -20.11 16.35 25.92
CA GLN A 65 -20.96 15.57 26.81
C GLN A 65 -22.02 14.88 25.97
N VAL A 66 -22.19 13.58 26.18
CA VAL A 66 -23.02 12.77 25.29
C VAL A 66 -24.40 12.48 25.86
N ASP A 67 -24.46 12.05 27.11
CA ASP A 67 -25.74 11.78 27.75
C ASP A 67 -25.73 12.23 29.22
N SER A 68 -26.72 11.78 29.97
CA SER A 68 -26.91 12.23 31.35
C SER A 68 -25.67 12.07 32.23
N ARG A 69 -24.85 11.06 31.96
CA ARG A 69 -23.72 10.77 32.84
C ARG A 69 -22.41 10.44 32.13
N THR A 70 -22.42 10.51 30.80
CA THR A 70 -21.22 10.15 30.03
C THR A 70 -20.55 11.37 29.39
N TYR A 71 -19.23 11.27 29.21
CA TYR A 71 -18.47 12.36 28.60
C TYR A 71 -17.64 11.87 27.41
N LEU A 72 -17.29 12.79 26.52
CA LEU A 72 -16.57 12.44 25.30
C LEU A 72 -15.35 13.33 25.11
N LEU A 73 -14.16 12.74 25.10
CA LEU A 73 -12.94 13.49 24.85
C LEU A 73 -12.58 13.43 23.36
N ASP A 74 -12.50 14.58 22.73
CA ASP A 74 -12.27 14.66 21.29
C ASP A 74 -10.85 15.10 20.96
N PHE A 75 -10.20 14.33 20.09
CA PHE A 75 -8.87 14.68 19.58
C PHE A 75 -9.02 15.25 18.18
N ARG A 76 -8.42 16.42 17.93
CA ARG A 76 -8.44 17.00 16.60
C ARG A 76 -7.08 17.52 16.16
N SER A 77 -6.62 17.05 14.99
CA SER A 77 -5.36 17.49 14.41
C SER A 77 -5.42 18.96 13.98
N ILE A 78 -4.27 19.63 14.02
CA ILE A 78 -4.21 21.04 13.68
C ILE A 78 -3.18 21.34 12.60
N ASP A 79 -3.62 21.98 11.53
CA ASP A 79 -2.73 22.36 10.45
C ASP A 79 -1.91 23.60 10.81
N GLY A 87 9.46 12.93 8.71
CA GLY A 87 8.32 12.53 9.51
C GLY A 87 7.01 12.63 8.76
N SER A 88 5.90 12.64 9.51
CA SER A 88 4.58 12.69 8.90
C SER A 88 3.56 13.29 9.87
N HIS A 89 3.00 14.43 9.49
CA HIS A 89 2.00 15.11 10.28
C HIS A 89 0.93 14.14 10.78
N THR A 90 0.29 13.46 9.85
CA THR A 90 -0.81 12.55 10.17
C THR A 90 -0.42 11.48 11.17
N ILE A 91 0.65 10.76 10.87
CA ILE A 91 1.10 9.66 11.72
C ILE A 91 1.52 10.14 13.11
N GLU A 92 2.17 11.29 13.16
CA GLU A 92 2.61 11.85 14.44
C GLU A 92 1.39 12.24 15.27
N PHE A 93 0.34 12.68 14.59
CA PHE A 93 -0.92 12.98 15.27
C PHE A 93 -1.48 11.73 15.92
N PHE A 94 -1.37 10.61 15.22
CA PHE A 94 -1.81 9.33 15.74
C PHE A 94 -0.97 8.91 16.93
N GLU A 95 0.33 9.21 16.88
CA GLU A 95 1.26 8.80 17.93
C GLU A 95 1.12 9.63 19.20
N MET A 96 0.90 10.93 19.03
CA MET A 96 0.64 11.82 20.17
C MET A 96 -0.59 11.33 20.91
N CYS A 97 -1.66 11.10 20.17
CA CYS A 97 -2.89 10.57 20.74
C CYS A 97 -2.67 9.23 21.42
N ALA A 98 -2.03 8.31 20.71
CA ALA A 98 -1.77 6.96 21.21
C ALA A 98 -1.10 6.96 22.58
N ASN A 99 -0.16 7.88 22.77
CA ASN A 99 0.54 8.00 24.05
C ASN A 99 -0.39 8.49 25.15
N LEU A 100 -1.15 9.53 24.85
CA LEU A 100 -2.14 10.05 25.78
C LEU A 100 -3.11 8.95 26.19
N ILE A 101 -3.82 8.39 25.21
CA ILE A 101 -4.83 7.38 25.44
C ILE A 101 -4.27 6.21 26.26
N LYS A 102 -2.99 5.92 26.08
CA LYS A 102 -2.34 4.86 26.84
C LYS A 102 -2.29 5.20 28.33
N ILE A 103 -1.81 6.39 28.64
CA ILE A 103 -1.73 6.85 30.03
C ILE A 103 -3.12 6.94 30.66
N LEU A 104 -4.06 7.54 29.94
CA LEU A 104 -5.43 7.69 30.42
C LEU A 104 -6.07 6.33 30.73
N ALA A 105 -5.72 5.33 29.93
CA ALA A 105 -6.32 4.00 30.04
C ALA A 105 -5.75 3.18 31.20
N GLN A 106 -4.65 3.65 31.79
CA GLN A 106 -4.02 2.94 32.89
C GLN A 106 -4.99 2.67 34.02
N ALA B 4 -21.48 24.01 32.51
CA ALA B 4 -21.11 22.61 32.32
C ALA B 4 -20.50 22.38 30.93
N PRO B 5 -19.54 21.44 30.84
CA PRO B 5 -18.82 21.11 29.61
C PRO B 5 -19.70 21.09 28.37
N PRO B 6 -19.14 21.48 27.21
CA PRO B 6 -19.83 21.59 25.92
C PRO B 6 -20.53 20.30 25.49
N ILE B 7 -21.48 20.42 24.58
CA ILE B 7 -22.24 19.29 24.08
C ILE B 7 -22.03 19.08 22.58
N HIS B 35 -19.35 16.62 7.57
CA HIS B 35 -17.91 16.43 7.48
C HIS B 35 -17.14 17.43 8.33
N VAL B 36 -17.55 17.57 9.58
CA VAL B 36 -16.77 18.31 10.57
C VAL B 36 -15.82 17.32 11.22
N MET B 37 -16.15 16.03 11.05
CA MET B 37 -15.33 14.93 11.53
C MET B 37 -13.90 15.03 11.02
N LEU B 38 -13.71 15.85 9.99
CA LEU B 38 -12.40 16.10 9.42
C LEU B 38 -11.37 16.39 10.53
N ASN B 39 -10.21 15.75 10.44
CA ASN B 39 -9.11 15.96 11.39
C ASN B 39 -9.31 15.35 12.78
N HIS B 40 -10.47 14.73 13.01
CA HIS B 40 -10.77 14.13 14.30
C HIS B 40 -10.27 12.69 14.38
N LEU B 41 -9.85 12.28 15.57
CA LEU B 41 -9.30 10.94 15.77
C LEU B 41 -10.41 9.90 15.89
N TYR B 42 -10.27 8.81 15.16
CA TYR B 42 -11.20 7.69 15.25
C TYR B 42 -10.43 6.41 15.55
N ALA B 43 -11.10 5.46 16.19
CA ALA B 43 -10.45 4.23 16.59
C ALA B 43 -11.38 3.02 16.50
N LEU B 44 -10.85 1.91 16.02
CA LEU B 44 -11.53 0.64 16.13
C LEU B 44 -11.22 0.07 17.51
N SER B 45 -12.14 -0.71 18.06
CA SER B 45 -11.92 -1.31 19.37
C SER B 45 -10.70 -2.22 19.29
N ILE B 46 -9.77 -2.04 20.22
CA ILE B 46 -8.55 -2.85 20.26
C ILE B 46 -8.88 -4.32 20.06
N LYS B 47 -8.05 -5.01 19.28
CA LYS B 47 -8.29 -6.41 18.97
C LYS B 47 -7.00 -7.23 18.96
N ASP B 48 -6.88 -8.17 19.89
CA ASP B 48 -5.77 -9.11 19.91
C ASP B 48 -4.41 -8.42 19.87
N GLY B 49 -4.26 -7.35 20.65
CA GLY B 49 -2.97 -6.71 20.83
C GLY B 49 -2.71 -5.49 19.96
N VAL B 50 -3.41 -5.39 18.84
CA VAL B 50 -3.17 -4.30 17.89
C VAL B 50 -4.21 -3.19 17.97
N MET B 51 -3.72 -1.94 17.93
CA MET B 51 -4.59 -0.77 17.97
C MET B 51 -4.67 -0.12 16.60
N VAL B 52 -5.87 0.31 16.22
CA VAL B 52 -6.07 0.94 14.93
C VAL B 52 -6.60 2.36 15.06
N LEU B 53 -5.75 3.33 14.75
CA LEU B 53 -6.16 4.72 14.78
C LEU B 53 -6.46 5.18 13.35
N SER B 54 -7.35 6.17 13.21
CA SER B 54 -7.74 6.64 11.89
C SER B 54 -8.31 8.06 11.91
N ALA B 55 -8.08 8.79 10.81
CA ALA B 55 -8.62 10.14 10.65
C ALA B 55 -8.60 10.54 9.18
N THR B 56 -9.55 11.37 8.77
CA THR B 56 -9.56 11.87 7.40
C THR B 56 -8.93 13.26 7.34
N HIS B 57 -7.85 13.39 6.57
CA HIS B 57 -7.23 14.68 6.35
C HIS B 57 -7.44 15.10 4.90
N ARG B 58 -7.29 16.38 4.62
CA ARG B 58 -7.47 16.89 3.27
C ARG B 58 -6.14 17.33 2.68
N TYR B 59 -5.91 16.96 1.43
CA TYR B 59 -4.78 17.49 0.67
C TYR B 59 -5.30 18.14 -0.59
N LYS B 60 -5.12 19.45 -0.70
CA LYS B 60 -5.72 20.22 -1.78
C LYS B 60 -7.18 19.80 -1.81
N LYS B 61 -7.62 19.27 -2.96
CA LYS B 61 -9.04 18.99 -3.19
C LYS B 61 -9.38 17.51 -2.97
N LYS B 62 -8.40 16.74 -2.53
CA LYS B 62 -8.60 15.31 -2.29
C LYS B 62 -8.66 15.00 -0.80
N TYR B 63 -9.23 13.85 -0.46
CA TYR B 63 -9.40 13.46 0.93
C TYR B 63 -8.79 12.08 1.21
N VAL B 64 -7.96 11.99 2.23
CA VAL B 64 -7.28 10.75 2.58
C VAL B 64 -7.63 10.30 3.99
N THR B 65 -8.32 9.16 4.08
CA THR B 65 -8.59 8.55 5.37
C THR B 65 -7.48 7.55 5.68
N THR B 66 -6.70 7.85 6.72
CA THR B 66 -5.54 7.02 7.04
C THR B 66 -5.81 6.08 8.21
N LEU B 67 -5.52 4.80 8.01
CA LEU B 67 -5.59 3.82 9.08
C LEU B 67 -4.19 3.38 9.50
N LEU B 68 -3.86 3.58 10.77
CA LEU B 68 -2.56 3.14 11.28
C LEU B 68 -2.69 1.93 12.20
N TYR B 69 -2.05 0.84 11.82
CA TYR B 69 -1.96 -0.34 12.66
C TYR B 69 -0.69 -0.29 13.48
N LYS B 70 -0.83 -0.24 14.80
CA LYS B 70 0.32 -0.21 15.69
C LYS B 70 0.11 -1.11 16.90
N PRO B 71 1.14 -1.89 17.26
CA PRO B 71 1.08 -2.76 18.44
C PRO B 71 1.02 -1.93 19.70
N ILE B 72 0.24 -2.37 20.68
CA ILE B 72 0.10 -1.64 21.94
C ILE B 72 1.47 -1.32 22.54
N SER C 23 2.95 15.55 -32.55
CA SER C 23 3.57 14.44 -31.85
C SER C 23 2.60 13.30 -31.67
N ASN C 24 1.99 12.86 -32.78
CA ASN C 24 1.03 11.77 -32.71
C ASN C 24 1.66 10.45 -32.26
N SER C 25 2.85 10.17 -32.74
CA SER C 25 3.52 8.92 -32.38
C SER C 25 4.24 9.01 -31.05
N SER C 26 4.05 10.13 -30.28
CA SER C 26 4.65 10.26 -28.95
C SER C 26 3.71 11.04 -28.05
N VAL C 27 2.42 11.02 -28.39
CA VAL C 27 1.40 11.73 -27.63
C VAL C 27 1.34 11.26 -26.18
N TYR C 28 1.51 9.96 -25.99
CA TYR C 28 1.41 9.35 -24.68
C TYR C 28 2.51 9.80 -23.72
N THR C 29 3.74 9.90 -24.24
CA THR C 29 4.86 10.39 -23.44
C THR C 29 4.59 11.83 -23.03
N THR C 30 4.17 12.64 -24.01
CA THR C 30 3.81 14.03 -23.76
C THR C 30 2.67 14.15 -22.75
N PHE C 31 1.70 13.26 -22.87
CA PHE C 31 0.54 13.24 -21.97
C PHE C 31 0.96 12.93 -20.54
N MET C 32 1.87 11.97 -20.39
CA MET C 32 2.32 11.56 -19.07
C MET C 32 3.22 12.62 -18.42
N LYS C 33 3.94 13.35 -19.27
CA LYS C 33 4.79 14.45 -18.81
C LYS C 33 3.96 15.62 -18.33
N SER C 34 2.75 15.74 -18.88
CA SER C 34 1.91 16.91 -18.65
C SER C 34 0.89 16.74 -17.51
N HIS C 35 0.90 15.57 -16.88
CA HIS C 35 -0.01 15.30 -15.76
C HIS C 35 0.76 14.90 -14.51
N ARG C 36 0.26 15.30 -13.34
CA ARG C 36 0.91 15.00 -12.07
C ARG C 36 0.35 13.72 -11.44
N CYS C 37 1.10 13.14 -10.53
CA CYS C 37 0.64 11.95 -9.82
C CYS C 37 -0.63 12.28 -9.05
N TYR C 38 -0.74 13.53 -8.64
CA TYR C 38 -1.90 14.02 -7.90
C TYR C 38 -3.19 13.88 -8.71
N ASP C 39 -3.04 13.85 -10.03
CA ASP C 39 -4.20 13.85 -10.93
C ASP C 39 -4.99 12.54 -10.93
N LEU C 40 -4.34 11.44 -10.57
CA LEU C 40 -5.03 10.14 -10.54
C LEU C 40 -5.34 9.65 -9.12
N ILE C 41 -5.10 10.50 -8.12
CA ILE C 41 -5.53 10.20 -6.75
C ILE C 41 -7.03 10.43 -6.64
N PRO C 42 -7.77 9.47 -6.08
CA PRO C 42 -9.22 9.58 -5.95
C PRO C 42 -9.61 10.80 -5.10
N THR C 43 -10.85 11.27 -5.26
CA THR C 43 -11.31 12.43 -4.49
C THR C 43 -11.35 12.07 -3.01
N SER C 44 -11.73 10.83 -2.72
CA SER C 44 -11.68 10.28 -1.37
C SER C 44 -11.14 8.86 -1.43
N SER C 45 -10.09 8.59 -0.64
CA SER C 45 -9.48 7.26 -0.65
C SER C 45 -9.09 6.81 0.75
N LYS C 46 -8.84 5.51 0.89
CA LYS C 46 -8.42 4.93 2.15
C LYS C 46 -6.96 4.50 2.07
N LEU C 47 -6.19 4.75 3.13
CA LEU C 47 -4.78 4.35 3.14
C LEU C 47 -4.43 3.58 4.40
N VAL C 48 -4.06 2.31 4.24
CA VAL C 48 -3.67 1.50 5.38
C VAL C 48 -2.15 1.53 5.60
N VAL C 49 -1.76 1.93 6.80
CA VAL C 49 -0.34 2.04 7.14
C VAL C 49 0.01 1.11 8.30
N PHE C 50 1.17 0.47 8.21
CA PHE C 50 1.63 -0.42 9.26
C PHE C 50 2.83 0.13 10.00
N ASP C 51 2.77 0.06 11.32
CA ASP C 51 3.93 0.37 12.15
C ASP C 51 4.86 -0.83 12.13
N THR C 52 6.14 -0.58 11.90
CA THR C 52 7.09 -1.66 11.65
C THR C 52 7.21 -2.69 12.79
N SER C 53 6.69 -2.35 13.97
CA SER C 53 6.76 -3.25 15.12
C SER C 53 5.61 -4.24 15.14
N LEU C 54 4.78 -4.19 14.10
CA LEU C 54 3.65 -5.11 13.96
C LEU C 54 4.15 -6.53 13.70
N GLN C 55 3.54 -7.51 14.37
CA GLN C 55 3.85 -8.91 14.09
C GLN C 55 3.52 -9.23 12.63
N VAL C 56 4.42 -9.92 11.94
CA VAL C 56 4.24 -10.24 10.53
C VAL C 56 2.92 -10.96 10.28
N LYS C 57 2.47 -11.73 11.27
CA LYS C 57 1.20 -12.43 11.19
C LYS C 57 0.03 -11.45 11.12
N LYS C 58 -0.08 -10.58 12.12
CA LYS C 58 -1.17 -9.60 12.18
C LYS C 58 -1.20 -8.71 10.95
N ALA C 59 -0.03 -8.30 10.49
CA ALA C 59 0.09 -7.48 9.29
C ALA C 59 -0.61 -8.13 8.10
N PHE C 60 -0.34 -9.41 7.88
CA PHE C 60 -0.95 -10.16 6.78
C PHE C 60 -2.46 -10.16 6.85
N PHE C 61 -3.00 -10.46 8.03
CA PHE C 61 -4.45 -10.49 8.22
C PHE C 61 -5.02 -9.09 7.99
N ALA C 62 -4.30 -8.08 8.46
CA ALA C 62 -4.68 -6.69 8.23
C ALA C 62 -4.74 -6.40 6.73
N LEU C 63 -3.75 -6.91 6.00
CA LEU C 63 -3.73 -6.80 4.56
C LEU C 63 -4.96 -7.45 3.93
N VAL C 64 -5.28 -8.65 4.40
CA VAL C 64 -6.42 -9.40 3.87
C VAL C 64 -7.76 -8.72 4.15
N THR C 65 -7.97 -8.37 5.42
CA THR C 65 -9.25 -7.80 5.85
C THR C 65 -9.54 -6.44 5.24
N ASN C 66 -8.49 -5.72 4.87
CA ASN C 66 -8.66 -4.44 4.18
C ASN C 66 -8.66 -4.59 2.67
N GLY C 67 -8.33 -5.79 2.20
CA GLY C 67 -8.37 -6.09 0.78
C GLY C 67 -7.32 -5.38 -0.05
N VAL C 68 -6.10 -5.30 0.48
CA VAL C 68 -4.99 -4.68 -0.23
C VAL C 68 -3.81 -5.63 -0.34
N ARG C 69 -2.93 -5.35 -1.30
CA ARG C 69 -1.78 -6.21 -1.55
C ARG C 69 -0.52 -5.74 -0.82
N ALA C 70 -0.41 -4.43 -0.61
CA ALA C 70 0.77 -3.87 0.03
C ALA C 70 0.43 -2.65 0.89
N ALA C 71 1.29 -2.38 1.87
CA ALA C 71 1.06 -1.27 2.79
C ALA C 71 2.37 -0.56 3.10
N PRO C 72 2.33 0.78 3.14
CA PRO C 72 3.51 1.58 3.50
C PRO C 72 3.97 1.27 4.92
N LEU C 73 5.28 1.36 5.17
CA LEU C 73 5.80 1.06 6.50
C LEU C 73 6.28 2.31 7.23
N TRP C 74 5.73 2.53 8.43
CA TRP C 74 6.12 3.64 9.29
C TRP C 74 6.98 3.14 10.44
N ASP C 75 8.21 3.64 10.53
CA ASP C 75 9.10 3.29 11.63
C ASP C 75 9.04 4.38 12.69
N SER C 76 8.54 4.03 13.88
CA SER C 76 8.37 4.99 14.95
C SER C 76 9.72 5.45 15.50
N LYS C 77 10.68 4.53 15.56
CA LYS C 77 12.02 4.86 16.01
C LYS C 77 12.62 5.97 15.14
N LYS C 78 12.56 5.77 13.83
CA LYS C 78 13.12 6.72 12.88
C LYS C 78 12.19 7.88 12.60
N GLN C 79 10.93 7.72 12.99
CA GLN C 79 9.91 8.71 12.69
C GLN C 79 9.86 8.99 11.19
N SER C 80 9.78 7.92 10.40
CA SER C 80 9.83 8.04 8.95
C SER C 80 9.23 6.81 8.25
N PHE C 81 8.79 7.00 7.01
CA PHE C 81 8.38 5.90 6.16
C PHE C 81 9.65 5.24 5.61
N VAL C 82 9.78 3.93 5.79
CA VAL C 82 11.01 3.23 5.42
C VAL C 82 10.85 2.27 4.26
N GLY C 83 9.62 2.10 3.77
CA GLY C 83 9.39 1.27 2.61
C GLY C 83 8.02 0.63 2.52
N MET C 84 7.94 -0.45 1.76
CA MET C 84 6.68 -1.15 1.53
C MET C 84 6.71 -2.58 2.05
N LEU C 85 5.55 -3.07 2.50
CA LEU C 85 5.37 -4.48 2.80
C LEU C 85 4.59 -5.11 1.67
N THR C 86 5.26 -5.93 0.87
CA THR C 86 4.61 -6.57 -0.28
C THR C 86 4.69 -8.09 -0.17
N ILE C 87 3.93 -8.76 -1.03
CA ILE C 87 3.89 -10.22 -1.05
C ILE C 87 5.28 -10.82 -1.26
N THR C 88 6.14 -10.09 -1.97
CA THR C 88 7.50 -10.57 -2.24
C THR C 88 8.28 -10.74 -0.94
N ASP C 89 8.03 -9.85 0.00
CA ASP C 89 8.66 -9.91 1.32
C ASP C 89 8.26 -11.19 2.04
N PHE C 90 6.98 -11.55 1.93
CA PHE C 90 6.48 -12.78 2.53
C PHE C 90 7.12 -13.99 1.85
N ILE C 91 7.30 -13.89 0.53
CA ILE C 91 7.98 -14.93 -0.22
C ILE C 91 9.40 -15.13 0.30
N ASN C 92 10.14 -14.03 0.44
CA ASN C 92 11.50 -14.09 0.96
C ASN C 92 11.54 -14.74 2.33
N ILE C 93 10.73 -14.23 3.24
CA ILE C 93 10.64 -14.76 4.60
C ILE C 93 10.28 -16.25 4.58
N LEU C 94 9.21 -16.60 3.89
CA LEU C 94 8.74 -17.98 3.83
C LEU C 94 9.80 -18.91 3.21
N HIS C 95 10.48 -18.45 2.17
CA HIS C 95 11.54 -19.23 1.54
C HIS C 95 12.59 -19.62 2.58
N ARG C 96 12.89 -18.69 3.47
CA ARG C 96 13.79 -18.98 4.59
C ARG C 96 13.00 -19.48 5.79
N GLU C 107 7.26 -19.81 13.87
CA GLU C 107 7.89 -18.63 14.46
C GLU C 107 7.93 -17.47 13.47
N LEU C 108 8.01 -17.79 12.18
CA LEU C 108 8.09 -16.77 11.14
C LEU C 108 7.04 -15.68 11.31
N GLU C 109 5.82 -16.08 11.65
CA GLU C 109 4.72 -15.14 11.81
C GLU C 109 4.81 -14.32 13.10
N GLU C 110 5.40 -14.91 14.13
CA GLU C 110 5.46 -14.29 15.45
C GLU C 110 6.36 -13.06 15.51
N HIS C 111 7.33 -12.97 14.61
CA HIS C 111 8.29 -11.88 14.62
C HIS C 111 7.75 -10.59 14.00
N LYS C 112 8.44 -9.49 14.29
CA LYS C 112 8.02 -8.17 13.83
C LYS C 112 8.61 -7.83 12.46
N ILE C 113 7.88 -7.03 11.70
CA ILE C 113 8.34 -6.59 10.39
C ILE C 113 9.76 -6.04 10.48
N GLU C 114 9.99 -5.19 11.48
CA GLU C 114 11.33 -4.69 11.76
C GLU C 114 12.33 -5.82 11.68
N THR C 115 12.18 -6.77 12.59
CA THR C 115 13.11 -7.88 12.72
C THR C 115 13.48 -8.50 11.37
N TRP C 116 12.48 -8.81 10.56
CA TRP C 116 12.70 -9.46 9.28
C TRP C 116 13.37 -8.53 8.26
N ARG C 117 12.99 -7.26 8.28
CA ARG C 117 13.67 -6.26 7.44
C ARG C 117 15.13 -6.10 7.87
N GLU C 118 15.37 -6.25 9.17
CA GLU C 118 16.73 -6.22 9.71
C GLU C 118 17.59 -7.34 9.15
N VAL C 119 17.02 -8.55 9.10
CA VAL C 119 17.75 -9.72 8.64
C VAL C 119 18.32 -9.47 7.24
N TYR C 120 17.62 -8.65 6.47
CA TYR C 120 18.04 -8.33 5.12
C TYR C 120 18.55 -6.90 5.02
N LEU C 121 18.66 -6.24 6.17
CA LEU C 121 19.06 -4.83 6.21
C LEU C 121 18.35 -4.05 5.10
N GLN C 122 17.04 -4.27 4.99
CA GLN C 122 16.26 -3.72 3.89
C GLN C 122 16.34 -2.20 3.80
N ASP C 123 16.22 -1.53 4.95
CA ASP C 123 16.27 -0.08 4.99
C ASP C 123 17.54 0.48 4.33
N SER C 124 18.68 -0.12 4.64
CA SER C 124 19.96 0.35 4.13
C SER C 124 20.21 -0.03 2.68
N PHE C 125 19.95 -1.29 2.33
CA PHE C 125 20.25 -1.79 0.99
C PHE C 125 19.22 -1.35 -0.05
N LYS C 126 17.94 -1.43 0.29
CA LYS C 126 16.90 -0.94 -0.60
C LYS C 126 15.99 0.07 0.12
N PRO C 127 16.42 1.33 0.16
CA PRO C 127 15.73 2.42 0.86
C PRO C 127 14.36 2.72 0.25
N LEU C 128 13.53 3.45 0.98
CA LEU C 128 12.22 3.81 0.48
C LEU C 128 12.33 4.52 -0.87
N VAL C 129 11.53 4.07 -1.84
CA VAL C 129 11.41 4.76 -3.10
C VAL C 129 10.01 5.37 -3.19
N CYS C 130 9.94 6.69 -3.08
CA CYS C 130 8.66 7.40 -3.09
C CYS C 130 8.64 8.47 -4.19
N ILE C 131 7.55 9.24 -4.24
CA ILE C 131 7.40 10.30 -5.24
C ILE C 131 6.44 11.39 -4.75
N SER C 132 6.61 12.60 -5.26
CA SER C 132 5.78 13.74 -4.86
C SER C 132 4.50 13.81 -5.68
N PRO C 133 3.43 14.38 -5.10
CA PRO C 133 2.14 14.55 -5.78
C PRO C 133 2.31 15.36 -7.06
N ASN C 134 3.27 16.28 -7.03
CA ASN C 134 3.50 17.22 -8.11
C ASN C 134 4.48 16.70 -9.16
N ALA C 135 5.02 15.51 -8.93
CA ALA C 135 5.87 14.86 -9.91
C ALA C 135 5.00 14.33 -11.06
N SER C 136 5.56 14.26 -12.25
CA SER C 136 4.80 13.82 -13.41
C SER C 136 4.57 12.31 -13.40
N LEU C 137 3.46 11.89 -14.00
CA LEU C 137 3.18 10.48 -14.18
C LEU C 137 4.35 9.79 -14.89
N PHE C 138 4.96 10.50 -15.83
CA PHE C 138 6.11 9.97 -16.55
C PHE C 138 7.20 9.56 -15.58
N ASP C 139 7.43 10.40 -14.57
CA ASP C 139 8.43 10.13 -13.55
C ASP C 139 8.01 8.94 -12.69
N ALA C 140 6.71 8.71 -12.60
CA ALA C 140 6.18 7.58 -11.84
C ALA C 140 6.46 6.25 -12.51
N VAL C 141 6.24 6.20 -13.82
CA VAL C 141 6.54 5.01 -14.62
C VAL C 141 8.04 4.78 -14.68
N SER C 142 8.80 5.83 -15.00
CA SER C 142 10.25 5.77 -15.00
C SER C 142 10.78 5.16 -13.71
N SER C 143 10.34 5.71 -12.58
CA SER C 143 10.78 5.26 -11.26
C SER C 143 10.42 3.81 -10.97
N LEU C 144 9.17 3.45 -11.26
CA LEU C 144 8.71 2.08 -11.08
C LEU C 144 9.62 1.09 -11.82
N ILE C 145 9.88 1.38 -13.09
CA ILE C 145 10.73 0.52 -13.92
C ILE C 145 12.17 0.51 -13.41
N ARG C 146 12.80 1.68 -13.39
CA ARG C 146 14.19 1.83 -12.98
C ARG C 146 14.51 1.10 -11.66
N ASN C 147 13.59 1.18 -10.71
CA ASN C 147 13.80 0.59 -9.39
C ASN C 147 13.24 -0.83 -9.26
N LYS C 148 12.75 -1.37 -10.37
CA LYS C 148 12.19 -2.73 -10.38
C LYS C 148 11.24 -3.01 -9.22
N ILE C 149 10.32 -2.07 -8.98
CA ILE C 149 9.32 -2.22 -7.94
C ILE C 149 7.92 -2.12 -8.54
N HIS C 150 6.90 -2.38 -7.72
CA HIS C 150 5.52 -2.34 -8.18
C HIS C 150 4.67 -1.31 -7.43
N ARG C 151 5.10 -0.96 -6.22
CA ARG C 151 4.38 0.00 -5.38
C ARG C 151 5.19 1.29 -5.24
N LEU C 152 4.57 2.42 -5.58
CA LEU C 152 5.24 3.72 -5.47
C LEU C 152 4.41 4.69 -4.65
N PRO C 153 4.76 4.85 -3.36
CA PRO C 153 4.05 5.75 -2.44
C PRO C 153 4.12 7.21 -2.90
N VAL C 154 2.97 7.86 -3.01
CA VAL C 154 2.93 9.28 -3.29
C VAL C 154 2.98 10.06 -1.99
N ILE C 155 4.11 10.70 -1.73
CA ILE C 155 4.32 11.41 -0.48
C ILE C 155 4.50 12.92 -0.67
N ASP C 156 3.71 13.69 0.08
CA ASP C 156 3.80 15.14 0.07
C ASP C 156 5.06 15.60 0.80
N PRO C 157 5.96 16.29 0.08
CA PRO C 157 7.21 16.79 0.67
C PRO C 157 6.93 17.78 1.81
N GLU C 158 5.79 18.47 1.72
CA GLU C 158 5.46 19.49 2.71
C GLU C 158 5.15 18.87 4.06
N SER C 159 4.16 18.00 4.10
CA SER C 159 3.69 17.44 5.36
C SER C 159 4.36 16.12 5.69
N GLY C 160 4.86 15.43 4.66
CA GLY C 160 5.50 14.15 4.84
C GLY C 160 4.49 13.03 4.84
N ASN C 161 3.25 13.39 4.53
CA ASN C 161 2.15 12.43 4.50
C ASN C 161 2.17 11.55 3.25
N THR C 162 1.93 10.26 3.45
CA THR C 162 1.72 9.35 2.32
C THR C 162 0.29 9.56 1.86
N LEU C 163 0.12 9.87 0.58
CA LEU C 163 -1.19 10.24 0.06
C LEU C 163 -1.88 9.09 -0.66
N TYR C 164 -1.10 8.19 -1.24
CA TYR C 164 -1.63 7.22 -2.17
C TYR C 164 -0.51 6.27 -2.61
N ILE C 165 -0.88 5.08 -3.11
CA ILE C 165 0.11 4.11 -3.58
C ILE C 165 -0.06 3.85 -5.07
N LEU C 166 0.93 4.25 -5.85
CA LEU C 166 0.86 4.10 -7.31
C LEU C 166 1.21 2.68 -7.77
N THR C 167 0.53 2.22 -8.81
CA THR C 167 0.79 0.92 -9.42
C THR C 167 0.74 1.05 -10.93
N HIS C 168 1.37 0.14 -11.65
CA HIS C 168 1.29 0.11 -13.11
C HIS C 168 -0.17 0.07 -13.51
N LYS C 169 -0.89 -0.84 -12.88
CA LYS C 169 -2.32 -1.01 -13.04
C LYS C 169 -3.04 0.33 -13.08
N ARG C 170 -2.98 1.06 -11.97
CA ARG C 170 -3.65 2.34 -11.82
C ARG C 170 -3.22 3.35 -12.88
N ILE C 171 -1.92 3.41 -13.15
CA ILE C 171 -1.39 4.33 -14.14
C ILE C 171 -1.88 4.00 -15.55
N LEU C 172 -1.97 2.70 -15.86
CA LEU C 172 -2.43 2.27 -17.17
C LEU C 172 -3.90 2.57 -17.39
N LYS C 173 -4.71 2.34 -16.36
CA LYS C 173 -6.11 2.73 -16.39
C LYS C 173 -6.23 4.20 -16.78
N PHE C 174 -5.55 5.04 -16.02
CA PHE C 174 -5.53 6.48 -16.29
C PHE C 174 -5.19 6.74 -17.76
N LEU C 175 -4.11 6.14 -18.23
CA LEU C 175 -3.69 6.28 -19.62
C LEU C 175 -4.78 5.84 -20.58
N LYS C 176 -5.45 4.74 -20.26
CA LYS C 176 -6.50 4.18 -21.11
C LYS C 176 -7.58 5.20 -21.38
N LEU C 177 -8.06 5.84 -20.31
CA LEU C 177 -9.11 6.85 -20.41
C LEU C 177 -8.75 7.88 -21.47
N PHE C 178 -7.46 8.14 -21.63
CA PHE C 178 -6.98 9.09 -22.63
C PHE C 178 -6.83 8.43 -23.98
N ILE C 179 -6.40 7.17 -23.98
CA ILE C 179 -6.13 6.45 -25.22
C ILE C 179 -7.37 6.30 -26.11
N THR C 180 -8.45 5.79 -25.53
CA THR C 180 -9.66 5.49 -26.30
C THR C 180 -10.50 6.73 -26.59
N GLU C 181 -9.91 7.91 -26.40
CA GLU C 181 -10.63 9.15 -26.65
C GLU C 181 -9.72 10.23 -27.24
N PHE C 182 -8.66 9.79 -27.91
CA PHE C 182 -7.75 10.70 -28.58
C PHE C 182 -7.06 9.97 -29.74
N PRO C 183 -7.13 10.55 -30.95
CA PRO C 183 -6.58 9.95 -32.16
C PRO C 183 -5.30 9.15 -31.88
N LYS C 184 -5.33 7.86 -32.21
CA LYS C 184 -4.24 6.96 -31.85
C LYS C 184 -3.07 7.02 -32.82
N PRO C 185 -1.85 6.88 -32.30
CA PRO C 185 -0.63 6.83 -33.10
C PRO C 185 -0.63 5.59 -33.97
N GLU C 186 -0.04 5.66 -35.16
CA GLU C 186 -0.06 4.53 -36.08
C GLU C 186 0.54 3.28 -35.44
N PHE C 187 1.45 3.47 -34.49
CA PHE C 187 2.13 2.35 -33.86
C PHE C 187 1.24 1.58 -32.90
N MET C 188 0.07 2.14 -32.61
CA MET C 188 -0.93 1.46 -31.81
C MET C 188 -1.64 0.40 -32.64
N SER C 189 -1.39 0.43 -33.94
CA SER C 189 -1.98 -0.54 -34.87
C SER C 189 -0.99 -1.66 -35.17
N LYS C 190 0.31 -1.36 -35.05
CA LYS C 190 1.34 -2.36 -35.26
C LYS C 190 1.16 -3.52 -34.29
N SER C 191 1.54 -4.71 -34.72
CA SER C 191 1.32 -5.92 -33.92
C SER C 191 2.41 -6.11 -32.87
N LEU C 192 2.22 -7.10 -32.02
CA LEU C 192 3.14 -7.38 -30.92
C LEU C 192 4.52 -7.74 -31.45
N GLU C 193 4.57 -8.61 -32.46
CA GLU C 193 5.82 -9.01 -33.08
C GLU C 193 6.59 -7.80 -33.60
N GLU C 194 5.90 -6.92 -34.30
CA GLU C 194 6.53 -5.75 -34.90
C GLU C 194 7.18 -4.83 -33.86
N LEU C 195 6.55 -4.73 -32.70
CA LEU C 195 7.00 -3.82 -31.66
C LEU C 195 7.94 -4.47 -30.66
N GLN C 196 7.98 -5.80 -30.68
CA GLN C 196 8.88 -6.57 -29.81
C GLN C 196 8.73 -6.23 -28.34
N ILE C 197 7.53 -5.82 -27.94
CA ILE C 197 7.23 -5.58 -26.53
C ILE C 197 7.04 -6.92 -25.84
N GLY C 198 7.62 -7.07 -24.66
CA GLY C 198 7.47 -8.29 -23.88
C GLY C 198 8.77 -9.08 -23.76
N THR C 199 8.72 -10.14 -22.95
CA THR C 199 9.90 -10.98 -22.71
C THR C 199 9.73 -12.36 -23.34
N TYR C 200 10.63 -12.70 -24.25
CA TYR C 200 10.51 -13.95 -25.01
C TYR C 200 11.72 -14.85 -24.88
N ALA C 201 12.43 -14.71 -23.76
CA ALA C 201 13.58 -15.55 -23.45
C ALA C 201 13.72 -15.72 -21.95
N ASN C 202 14.42 -16.77 -21.54
CA ASN C 202 14.65 -17.03 -20.11
C ASN C 202 13.36 -17.19 -19.30
N ILE C 203 12.24 -17.31 -20.01
CA ILE C 203 10.93 -17.42 -19.36
C ILE C 203 10.92 -18.48 -18.26
N ALA C 204 10.72 -18.01 -17.03
CA ALA C 204 10.60 -18.90 -15.87
C ALA C 204 9.20 -19.48 -15.83
N MET C 205 9.12 -20.81 -15.72
CA MET C 205 7.83 -21.49 -15.70
C MET C 205 7.80 -22.66 -14.72
N VAL C 206 6.62 -23.23 -14.53
CA VAL C 206 6.46 -24.42 -13.72
C VAL C 206 5.71 -25.49 -14.50
N ARG C 207 5.85 -26.74 -14.07
CA ARG C 207 5.04 -27.82 -14.62
C ARG C 207 3.95 -28.19 -13.62
N THR C 208 2.86 -28.75 -14.14
CA THR C 208 1.73 -29.14 -13.31
C THR C 208 2.17 -29.95 -12.09
N THR C 209 3.24 -30.72 -12.27
CA THR C 209 3.71 -31.64 -11.25
C THR C 209 4.73 -31.01 -10.30
N THR C 210 5.10 -29.76 -10.58
CA THR C 210 6.10 -29.07 -9.78
C THR C 210 5.64 -28.84 -8.34
N PRO C 211 6.45 -29.26 -7.36
CA PRO C 211 6.15 -29.01 -5.95
C PRO C 211 6.09 -27.52 -5.69
N VAL C 212 5.15 -27.08 -4.85
CA VAL C 212 4.99 -25.65 -4.57
C VAL C 212 6.28 -25.04 -4.04
N TYR C 213 6.98 -25.77 -3.18
CA TYR C 213 8.21 -25.25 -2.60
C TYR C 213 9.28 -25.02 -3.66
N VAL C 214 9.18 -25.73 -4.78
CA VAL C 214 10.10 -25.53 -5.89
C VAL C 214 9.75 -24.23 -6.59
N ALA C 215 8.45 -24.00 -6.79
CA ALA C 215 7.97 -22.74 -7.35
C ALA C 215 8.45 -21.58 -6.50
N LEU C 216 8.34 -21.75 -5.19
CA LEU C 216 8.85 -20.78 -4.23
C LEU C 216 10.29 -20.38 -4.59
N GLY C 217 11.14 -21.39 -4.78
CA GLY C 217 12.54 -21.15 -5.08
C GLY C 217 12.78 -20.35 -6.35
N ILE C 218 12.02 -20.67 -7.41
CA ILE C 218 12.18 -20.00 -8.69
C ILE C 218 11.65 -18.57 -8.65
N PHE C 219 10.78 -18.28 -7.68
CA PHE C 219 10.30 -16.92 -7.48
C PHE C 219 11.42 -16.00 -6.97
N VAL C 220 12.11 -16.47 -5.93
CA VAL C 220 13.19 -15.70 -5.31
C VAL C 220 14.40 -15.60 -6.24
N GLN C 221 14.60 -16.62 -7.05
CA GLN C 221 15.76 -16.69 -7.95
C GLN C 221 15.60 -15.81 -9.18
N HIS C 222 14.39 -15.79 -9.75
CA HIS C 222 14.15 -15.05 -10.98
C HIS C 222 13.49 -13.70 -10.74
N ARG C 223 13.14 -13.43 -9.49
CA ARG C 223 12.44 -12.21 -9.13
C ARG C 223 11.34 -11.91 -10.13
N VAL C 224 10.37 -12.82 -10.20
CA VAL C 224 9.29 -12.73 -11.16
C VAL C 224 7.94 -12.82 -10.44
N SER C 225 6.93 -12.18 -11.02
CA SER C 225 5.62 -12.08 -10.39
C SER C 225 4.79 -13.35 -10.49
N ALA C 226 4.69 -13.91 -11.69
CA ALA C 226 3.86 -15.09 -11.90
C ALA C 226 4.51 -16.13 -12.82
N LEU C 227 4.19 -17.39 -12.57
CA LEU C 227 4.75 -18.50 -13.33
C LEU C 227 3.69 -19.18 -14.16
N PRO C 228 3.88 -19.21 -15.49
CA PRO C 228 3.00 -20.04 -16.32
C PRO C 228 3.12 -21.50 -15.92
N VAL C 229 2.00 -22.20 -15.82
CA VAL C 229 2.04 -23.62 -15.50
C VAL C 229 1.84 -24.44 -16.76
N VAL C 230 2.85 -25.22 -17.13
CA VAL C 230 2.80 -25.98 -18.36
C VAL C 230 2.64 -27.48 -18.11
N ASP C 231 1.99 -28.16 -19.04
CA ASP C 231 1.77 -29.59 -18.93
C ASP C 231 2.96 -30.39 -19.43
N GLU C 232 2.70 -31.60 -19.91
CA GLU C 232 3.76 -32.49 -20.36
C GLU C 232 4.43 -32.02 -21.65
N LYS C 233 3.65 -31.47 -22.57
CA LYS C 233 4.19 -30.99 -23.85
C LYS C 233 4.71 -29.56 -23.78
N GLY C 234 4.55 -28.93 -22.63
CA GLY C 234 5.00 -27.56 -22.46
C GLY C 234 3.93 -26.54 -22.84
N ARG C 235 2.68 -26.99 -22.82
CA ARG C 235 1.54 -26.12 -23.09
C ARG C 235 1.05 -25.49 -21.80
N VAL C 236 0.68 -24.21 -21.85
CA VAL C 236 0.23 -23.51 -20.66
C VAL C 236 -1.19 -23.93 -20.27
N VAL C 237 -1.36 -24.36 -19.02
CA VAL C 237 -2.65 -24.83 -18.54
C VAL C 237 -3.12 -24.00 -17.35
N ASP C 238 -2.25 -23.11 -16.88
CA ASP C 238 -2.59 -22.26 -15.74
C ASP C 238 -1.49 -21.23 -15.46
N ILE C 239 -1.75 -20.36 -14.48
CA ILE C 239 -0.77 -19.38 -14.05
C ILE C 239 -0.62 -19.47 -12.52
N TYR C 240 0.59 -19.26 -12.02
CA TYR C 240 0.86 -19.37 -10.60
C TYR C 240 1.59 -18.14 -10.05
N SER C 241 0.98 -17.46 -9.09
CA SER C 241 1.53 -16.22 -8.56
C SER C 241 2.10 -16.39 -7.16
N LYS C 242 2.87 -15.39 -6.73
CA LYS C 242 3.39 -15.35 -5.36
C LYS C 242 2.23 -15.39 -4.38
N PHE C 243 1.13 -14.72 -4.75
CA PHE C 243 -0.05 -14.68 -3.90
C PHE C 243 -0.57 -16.08 -3.62
N ASP C 244 -0.58 -16.92 -4.64
CA ASP C 244 -1.00 -18.31 -4.50
C ASP C 244 -0.13 -19.06 -3.49
N VAL C 245 1.18 -18.84 -3.59
CA VAL C 245 2.11 -19.50 -2.68
C VAL C 245 1.81 -19.13 -1.23
N ILE C 246 1.62 -17.84 -0.97
CA ILE C 246 1.44 -17.33 0.38
C ILE C 246 0.08 -17.74 0.95
N ASN C 247 -0.94 -17.70 0.12
CA ASN C 247 -2.27 -18.17 0.52
C ASN C 247 -2.23 -19.61 1.00
N LEU C 248 -1.47 -20.45 0.29
CA LEU C 248 -1.32 -21.86 0.67
C LEU C 248 -0.62 -21.97 2.01
N ALA C 249 0.36 -21.10 2.22
CA ALA C 249 1.11 -21.07 3.48
C ALA C 249 0.17 -20.71 4.62
N ALA C 250 -0.72 -19.75 4.38
CA ALA C 250 -1.67 -19.32 5.39
C ALA C 250 -2.52 -20.48 5.90
N GLU C 251 -2.97 -21.32 4.98
CA GLU C 251 -3.79 -22.47 5.34
C GLU C 251 -3.07 -23.39 6.32
N LYS C 252 -1.74 -23.44 6.20
CA LYS C 252 -0.93 -24.27 7.08
C LYS C 252 -1.41 -25.72 7.07
N THR C 253 -1.31 -26.36 5.91
CA THR C 253 -1.75 -27.75 5.76
C THR C 253 -0.82 -28.51 4.82
N ASN C 256 1.98 -28.04 3.77
CA ASN C 256 3.40 -28.39 3.83
C ASN C 256 4.19 -27.75 2.71
N LEU C 257 3.66 -27.79 1.49
CA LEU C 257 4.32 -27.21 0.33
C LEU C 257 4.78 -28.29 -0.64
N ASP C 258 4.93 -29.51 -0.14
CA ASP C 258 5.37 -30.64 -0.96
C ASP C 258 4.43 -30.81 -2.14
N VAL C 259 3.14 -30.58 -1.88
CA VAL C 259 2.09 -30.70 -2.90
C VAL C 259 2.45 -30.02 -4.22
N SER C 260 2.04 -30.64 -5.33
CA SER C 260 2.28 -30.08 -6.66
C SER C 260 1.57 -28.73 -6.81
N VAL C 261 1.81 -28.07 -7.94
CA VAL C 261 1.21 -26.76 -8.19
C VAL C 261 -0.28 -26.85 -8.49
N THR C 262 -0.67 -27.84 -9.30
CA THR C 262 -2.06 -27.99 -9.69
C THR C 262 -2.94 -28.42 -8.52
N LYS C 263 -2.43 -29.34 -7.69
CA LYS C 263 -3.14 -29.72 -6.48
C LYS C 263 -3.38 -28.49 -5.61
N ALA C 264 -2.34 -27.66 -5.49
CA ALA C 264 -2.44 -26.43 -4.71
C ALA C 264 -3.44 -25.46 -5.31
N LEU C 265 -3.44 -25.36 -6.64
CA LEU C 265 -4.33 -24.45 -7.35
C LEU C 265 -5.80 -24.87 -7.21
N GLN C 266 -6.03 -26.09 -6.73
CA GLN C 266 -7.38 -26.57 -6.50
C GLN C 266 -7.98 -25.90 -5.26
N HIS C 267 -7.10 -25.32 -4.44
CA HIS C 267 -7.53 -24.62 -3.23
C HIS C 267 -8.04 -23.23 -3.54
N ARG C 268 -7.84 -22.77 -4.77
CA ARG C 268 -8.18 -21.41 -5.14
C ARG C 268 -9.64 -21.02 -4.90
N SER C 269 -9.89 -19.72 -4.88
CA SER C 269 -11.21 -19.16 -4.64
C SER C 269 -11.74 -19.50 -3.25
N VAL C 275 -6.84 -18.88 -18.45
CA VAL C 275 -5.55 -18.20 -18.48
C VAL C 275 -5.51 -17.17 -19.60
N LEU C 276 -5.49 -15.90 -19.23
CA LEU C 276 -5.45 -14.82 -20.21
C LEU C 276 -4.16 -14.86 -21.03
N LYS C 277 -4.32 -14.98 -22.35
CA LYS C 277 -3.19 -15.14 -23.25
C LYS C 277 -3.34 -14.22 -24.47
N CYS C 278 -2.25 -14.05 -25.20
CA CYS C 278 -2.25 -13.20 -26.39
C CYS C 278 -1.46 -13.84 -27.52
N TYR C 279 -1.69 -13.37 -28.75
CA TYR C 279 -0.92 -13.84 -29.89
C TYR C 279 -0.07 -12.72 -30.49
N LEU C 280 1.05 -13.09 -31.09
CA LEU C 280 2.02 -12.13 -31.61
C LEU C 280 1.47 -11.30 -32.78
N HIS C 281 0.33 -11.73 -33.33
CA HIS C 281 -0.25 -11.03 -34.47
C HIS C 281 -1.40 -10.10 -34.07
N GLU C 282 -1.53 -9.86 -32.75
CA GLU C 282 -2.58 -8.97 -32.25
C GLU C 282 -2.03 -7.55 -32.04
N THR C 283 -2.90 -6.57 -32.23
CA THR C 283 -2.51 -5.16 -32.12
C THR C 283 -2.22 -4.76 -30.68
N LEU C 284 -1.20 -3.92 -30.50
CA LEU C 284 -0.86 -3.40 -29.18
C LEU C 284 -2.10 -2.85 -28.48
N GLU C 285 -2.97 -2.22 -29.27
CA GLU C 285 -4.22 -1.67 -28.77
C GLU C 285 -5.11 -2.77 -28.20
N ALA C 286 -5.24 -3.87 -28.94
CA ALA C 286 -6.07 -4.98 -28.52
C ALA C 286 -5.50 -5.68 -27.29
N ILE C 287 -4.19 -5.68 -27.16
CA ILE C 287 -3.54 -6.24 -25.97
C ILE C 287 -3.79 -5.36 -24.74
N ILE C 288 -3.61 -4.06 -24.90
CA ILE C 288 -3.91 -3.10 -23.84
C ILE C 288 -5.35 -3.28 -23.37
N ASN C 289 -6.26 -3.36 -24.33
CA ASN C 289 -7.68 -3.54 -24.04
C ASN C 289 -7.94 -4.79 -23.21
N ARG C 290 -7.37 -5.91 -23.64
CA ARG C 290 -7.54 -7.18 -22.94
C ARG C 290 -6.97 -7.13 -21.53
N LEU C 291 -5.81 -6.51 -21.38
CA LEU C 291 -5.09 -6.47 -20.11
C LEU C 291 -5.80 -5.59 -19.08
N VAL C 292 -6.38 -4.48 -19.55
CA VAL C 292 -6.99 -3.48 -18.67
C VAL C 292 -8.36 -3.89 -18.11
N GLU C 293 -9.22 -4.42 -18.97
CA GLU C 293 -10.57 -4.78 -18.56
C GLU C 293 -10.61 -6.12 -17.82
N ALA C 294 -9.68 -7.02 -18.15
CA ALA C 294 -9.52 -8.22 -17.36
C ALA C 294 -8.89 -7.84 -16.02
N GLU C 295 -8.45 -6.59 -15.92
CA GLU C 295 -7.81 -6.10 -14.70
C GLU C 295 -6.72 -7.05 -14.19
N VAL C 296 -5.97 -7.67 -15.11
CA VAL C 296 -4.91 -8.61 -14.73
C VAL C 296 -3.52 -8.01 -14.98
N HIS C 297 -2.50 -8.62 -14.39
CA HIS C 297 -1.19 -7.99 -14.35
C HIS C 297 -0.33 -8.27 -15.60
N ARG C 298 -0.57 -9.43 -16.22
CA ARG C 298 0.13 -9.75 -17.46
C ARG C 298 -0.63 -10.74 -18.35
N LEU C 299 -0.23 -10.77 -19.61
CA LEU C 299 -0.72 -11.75 -20.58
C LEU C 299 0.38 -12.77 -20.89
N VAL C 300 -0.03 -14.01 -21.12
CA VAL C 300 0.89 -15.06 -21.56
C VAL C 300 0.86 -15.16 -23.07
N VAL C 301 1.95 -14.75 -23.71
CA VAL C 301 2.09 -14.87 -25.16
C VAL C 301 2.26 -16.34 -25.50
N VAL C 302 1.55 -16.81 -26.52
CA VAL C 302 1.43 -18.26 -26.73
C VAL C 302 1.30 -18.68 -28.20
N ASP C 303 1.66 -19.94 -28.45
CA ASP C 303 1.59 -20.54 -29.78
C ASP C 303 0.14 -20.76 -30.23
N GLU C 304 -0.02 -21.22 -31.47
CA GLU C 304 -1.33 -21.63 -31.95
C GLU C 304 -1.78 -22.84 -31.15
N HIS C 305 -0.81 -23.61 -30.68
CA HIS C 305 -1.06 -24.77 -29.84
C HIS C 305 -0.99 -24.41 -28.37
N ASP C 306 -0.97 -23.11 -28.09
CA ASP C 306 -0.90 -22.61 -26.73
C ASP C 306 0.39 -23.01 -26.00
N VAL C 307 1.47 -23.16 -26.77
CA VAL C 307 2.80 -23.31 -26.19
C VAL C 307 3.35 -21.93 -25.87
N VAL C 308 3.74 -21.71 -24.62
CA VAL C 308 4.18 -20.39 -24.17
C VAL C 308 5.42 -19.89 -24.91
N LYS C 309 5.24 -18.77 -25.63
CA LYS C 309 6.35 -18.14 -26.35
C LYS C 309 6.95 -16.98 -25.55
N GLY C 310 6.16 -16.40 -24.66
CA GLY C 310 6.62 -15.28 -23.87
C GLY C 310 5.57 -14.69 -22.96
N ILE C 311 5.85 -13.48 -22.47
CA ILE C 311 4.97 -12.79 -21.53
C ILE C 311 5.02 -11.28 -21.75
N VAL C 312 3.85 -10.65 -21.70
CA VAL C 312 3.75 -9.19 -21.76
C VAL C 312 3.03 -8.67 -20.51
N SER C 313 3.78 -8.01 -19.64
CA SER C 313 3.21 -7.48 -18.40
C SER C 313 2.84 -6.01 -18.55
N LEU C 314 2.18 -5.46 -17.52
CA LEU C 314 1.82 -4.06 -17.51
C LEU C 314 3.04 -3.16 -17.67
N SER C 315 4.11 -3.52 -16.96
CA SER C 315 5.35 -2.76 -17.01
C SER C 315 5.94 -2.73 -18.42
N ASP C 316 5.79 -3.83 -19.14
CA ASP C 316 6.21 -3.90 -20.54
C ASP C 316 5.45 -2.87 -21.36
N ILE C 317 4.13 -2.84 -21.19
CA ILE C 317 3.28 -1.91 -21.91
C ILE C 317 3.65 -0.46 -21.58
N LEU C 318 3.66 -0.13 -20.29
CA LEU C 318 4.02 1.21 -19.84
C LEU C 318 5.34 1.66 -20.45
N GLN C 319 6.35 0.79 -20.36
CA GLN C 319 7.68 1.11 -20.88
C GLN C 319 7.62 1.42 -22.38
N ALA C 320 6.73 0.73 -23.07
CA ALA C 320 6.56 0.92 -24.50
C ALA C 320 5.81 2.21 -24.81
N LEU C 321 4.65 2.37 -24.19
CA LEU C 321 3.79 3.52 -24.43
C LEU C 321 4.45 4.83 -23.97
N VAL C 322 4.94 4.84 -22.74
CA VAL C 322 5.42 6.07 -22.09
C VAL C 322 6.92 6.32 -22.25
N LEU C 323 7.73 5.38 -21.76
CA LEU C 323 9.19 5.56 -21.75
C LEU C 323 9.81 5.64 -23.14
N THR C 324 9.02 5.39 -24.18
CA THR C 324 9.51 5.45 -25.55
C THR C 324 8.43 5.94 -26.50
P AMP D . 7.14 -5.54 -5.33
O1P AMP D . 6.52 -6.91 -5.17
O2P AMP D . 6.25 -4.39 -4.93
O3P AMP D . 7.90 -5.31 -6.62
O5' AMP D . 8.31 -5.51 -4.22
C5' AMP D . 9.53 -6.21 -4.44
C4' AMP D . 10.48 -5.79 -3.33
O4' AMP D . 10.72 -4.39 -3.44
C3' AMP D . 9.84 -6.04 -1.98
O3' AMP D . 10.79 -6.70 -1.14
C2' AMP D . 9.51 -4.67 -1.42
O2' AMP D . 9.79 -4.58 -0.02
C1' AMP D . 10.39 -3.72 -2.22
N9 AMP D . 9.67 -2.47 -2.56
C8 AMP D . 8.51 -2.39 -3.22
N7 AMP D . 8.11 -1.10 -3.37
C5 AMP D . 9.04 -0.34 -2.78
C6 AMP D . 9.24 1.11 -2.56
N6 AMP D . 8.34 2.02 -3.02
N1 AMP D . 10.35 1.50 -1.90
C2 AMP D . 11.25 0.61 -1.43
N3 AMP D . 11.13 -0.72 -1.59
C4 AMP D . 10.07 -1.25 -2.24
P AMP E . 6.21 -8.14 -13.87
O1P AMP E . 5.07 -8.94 -14.47
O2P AMP E . 5.88 -6.69 -13.63
O3P AMP E . 6.94 -8.84 -12.75
O5' AMP E . 7.28 -8.10 -15.06
C5' AMP E . 8.62 -7.65 -14.89
C4' AMP E . 9.42 -8.09 -16.11
O4' AMP E . 9.67 -9.50 -16.00
C3' AMP E . 8.62 -7.86 -17.37
O3' AMP E . 9.45 -7.21 -18.35
C2' AMP E . 8.22 -9.23 -17.86
O2' AMP E . 8.35 -9.32 -19.28
C1' AMP E . 9.18 -10.19 -17.15
N9 AMP E . 8.49 -11.44 -16.75
C8 AMP E . 7.24 -11.55 -16.23
N7 AMP E . 6.92 -12.84 -15.99
C5 AMP E . 7.97 -13.59 -16.36
C6 AMP E . 8.30 -15.05 -16.37
N6 AMP E . 7.42 -15.98 -15.92
N1 AMP E . 9.51 -15.41 -16.85
C2 AMP E . 10.40 -14.51 -17.30
N3 AMP E . 10.16 -13.18 -17.32
C4 AMP E . 8.99 -12.67 -16.87
#